data_9EA8
#
_entry.id   9EA8
#
_cell.length_a   96.636
_cell.length_b   96.636
_cell.length_c   135.204
_cell.angle_alpha   90.000
_cell.angle_beta   90.000
_cell.angle_gamma   90.000
#
_symmetry.space_group_name_H-M   'P 43 21 2'
#
loop_
_entity.id
_entity.type
_entity.pdbx_description
1 polymer 'Citrobacter BubCD D104A'
2 polymer 'Citrobacter BubA 155-229'
3 water water
#
loop_
_entity_poly.entity_id
_entity_poly.type
_entity_poly.pdbx_seq_one_letter_code
_entity_poly.pdbx_strand_id
1 'polypeptide(L)'
;SNASSGNRLILTQELHTMLQKHLFPGDGKEAAAILICNRYEGGRLKLLAKELILVPYEECKSRTSDFIAWPGNYLEKAID
VAEEKSMSIILIHSHPGGFLVFSDTADSSDMQTMQSLFQGVDAIHGSAIMIHSGEMRARLYREGKFAENVELVTVAGDDI
HYWWDDKTEQQLKPIAFTSGMTDTFQKLTAAIIGVSGTGSIVAEQVARLGFGEILLIDHDHIEKKNLNRILNSTLKDALS
HRPKVDMFAEAIRCIRGEDISRPINNTIFSREAVLAAANADVLFCCVDTYLARMIADRIASSFLIPLLDVGVKIPTHVDP
DDGRKITDVTGRIDYVKPGGSTLSDRLVYTPELIYRENLNAEEYEEQLERGYITGVEEEAPSVITLNMRAASACVSEFIA
RCFPFREYPNKRFTRTFFSLAGVEEDYIDESSITQALNTRLAVGGEEPLLGLPELGDK
;
A
2 'polypeptide(L)' SNATWKLNIQGKEFTFDTPTVVIRDAVIRAGLNPNQAWHIFLKVEGQPKVEKNIDDVIDLRTPGIEKLRLTPKDVNNG B
#
# COMPACT_ATOMS: atom_id res chain seq x y z
N ALA A 3 4.43 5.30 20.27
CA ALA A 3 3.16 4.52 20.18
C ALA A 3 2.16 5.28 19.32
N SER A 4 1.80 6.48 19.77
CA SER A 4 0.90 7.36 19.05
C SER A 4 1.56 8.67 18.65
N SER A 5 2.34 9.27 19.54
CA SER A 5 2.96 10.57 19.30
C SER A 5 4.44 10.45 18.98
N GLY A 6 4.88 9.34 18.44
CA GLY A 6 6.28 9.13 18.13
C GLY A 6 6.65 9.67 16.75
N ASN A 7 7.77 10.40 16.69
CA ASN A 7 8.17 11.00 15.42
C ASN A 7 8.69 9.93 14.47
N ARG A 8 8.67 10.25 13.18
CA ARG A 8 9.08 9.32 12.14
C ARG A 8 9.96 10.02 11.13
N LEU A 9 10.93 9.28 10.58
CA LEU A 9 11.73 9.71 9.43
C LEU A 9 11.54 8.64 8.36
N ILE A 10 10.74 8.94 7.34
CA ILE A 10 10.39 7.98 6.29
C ILE A 10 11.20 8.29 5.05
N LEU A 11 11.76 7.24 4.45
CA LEU A 11 12.45 7.34 3.16
C LEU A 11 11.88 6.31 2.20
N THR A 12 11.73 6.70 0.94
CA THR A 12 11.34 5.74 -0.07
C THR A 12 12.49 4.77 -0.33
N GLN A 13 12.14 3.59 -0.85
CA GLN A 13 13.18 2.61 -1.16
C GLN A 13 14.13 3.14 -2.22
N GLU A 14 13.60 3.84 -3.22
CA GLU A 14 14.43 4.37 -4.28
C GLU A 14 15.49 5.32 -3.72
N LEU A 15 15.06 6.30 -2.91
CA LEU A 15 16.02 7.21 -2.30
C LEU A 15 17.02 6.45 -1.45
N HIS A 16 16.54 5.55 -0.60
CA HIS A 16 17.45 4.85 0.31
C HIS A 16 18.51 4.08 -0.45
N THR A 17 18.12 3.36 -1.50
CA THR A 17 19.09 2.59 -2.29
C THR A 17 20.13 3.51 -2.91
N MET A 18 19.70 4.63 -3.47
CA MET A 18 20.65 5.60 -4.02
C MET A 18 21.58 6.12 -2.94
N LEU A 19 21.01 6.57 -1.83
CA LEU A 19 21.83 7.05 -0.71
C LEU A 19 22.80 5.98 -0.24
N GLN A 20 22.28 4.76 0.00
CA GLN A 20 23.13 3.68 0.49
C GLN A 20 24.34 3.47 -0.41
N LYS A 21 24.13 3.49 -1.74
CA LYS A 21 25.24 3.25 -2.65
C LYS A 21 26.22 4.41 -2.63
N HIS A 22 25.72 5.65 -2.55
CA HIS A 22 26.62 6.79 -2.46
C HIS A 22 27.48 6.71 -1.20
N LEU A 23 26.88 6.30 -0.08
CA LEU A 23 27.59 6.31 1.19
C LEU A 23 28.55 5.15 1.36
N PHE A 24 28.36 4.06 0.61
CA PHE A 24 29.20 2.87 0.75
C PHE A 24 29.65 2.41 -0.63
N PRO A 25 30.53 3.18 -1.25
CA PRO A 25 31.00 2.82 -2.60
C PRO A 25 31.84 1.56 -2.58
N GLY A 26 32.63 1.36 -1.52
CA GLY A 26 33.47 0.18 -1.42
C GLY A 26 34.90 0.52 -1.06
N ASP A 27 35.22 1.81 -1.01
CA ASP A 27 36.57 2.23 -0.65
C ASP A 27 36.85 2.14 0.84
N GLY A 28 35.82 1.90 1.66
CA GLY A 28 35.99 1.87 3.10
C GLY A 28 36.08 3.22 3.75
N LYS A 29 35.79 4.29 3.02
CA LYS A 29 35.93 5.66 3.49
C LYS A 29 34.55 6.31 3.62
N GLU A 30 34.53 7.50 4.21
CA GLU A 30 33.27 8.20 4.46
C GLU A 30 32.77 8.87 3.18
N ALA A 31 31.47 9.15 3.18
CA ALA A 31 30.80 9.88 2.11
C ALA A 31 29.65 10.68 2.74
N ALA A 32 29.16 11.66 2.01
CA ALA A 32 28.15 12.56 2.54
C ALA A 32 27.02 12.79 1.53
N ALA A 33 25.90 13.26 2.06
CA ALA A 33 24.70 13.49 1.24
C ALA A 33 23.71 14.31 2.06
N ILE A 34 22.75 14.91 1.35
CA ILE A 34 21.72 15.73 1.97
C ILE A 34 20.36 15.27 1.46
N LEU A 35 19.38 15.21 2.37
CA LEU A 35 18.03 14.77 2.06
C LEU A 35 17.07 15.90 2.40
N ILE A 36 16.44 16.48 1.39
CA ILE A 36 15.40 17.47 1.58
C ILE A 36 14.08 16.74 1.80
N CYS A 37 13.37 17.08 2.87
CA CYS A 37 12.12 16.41 3.20
C CYS A 37 11.01 17.42 3.43
N ASN A 38 9.79 17.05 3.04
CA ASN A 38 8.59 17.72 3.53
C ASN A 38 8.21 17.14 4.89
N ARG A 39 7.10 17.61 5.46
CA ARG A 39 6.72 17.09 6.77
C ARG A 39 5.21 17.10 6.93
N TYR A 40 4.75 16.16 7.77
CA TYR A 40 3.38 16.13 8.27
C TYR A 40 3.42 16.20 9.79
N GLU A 41 2.54 17.02 10.36
CA GLU A 41 2.52 17.27 11.80
C GLU A 41 1.07 17.12 12.28
N GLY A 42 0.64 15.88 12.44
CA GLY A 42 -0.67 15.60 13.01
C GLY A 42 -0.55 15.19 14.46
N GLY A 43 -0.93 13.94 14.76
CA GLY A 43 -0.65 13.39 16.07
C GLY A 43 0.80 13.07 16.32
N ARG A 44 1.61 13.04 15.26
CA ARG A 44 3.04 12.78 15.35
C ARG A 44 3.71 13.59 14.26
N LEU A 45 5.03 13.68 14.34
CA LEU A 45 5.82 14.33 13.31
C LEU A 45 6.35 13.28 12.35
N LYS A 46 6.22 13.55 11.05
CA LYS A 46 6.72 12.65 10.02
C LYS A 46 7.56 13.47 9.04
N LEU A 47 8.81 13.05 8.85
CA LEU A 47 9.67 13.64 7.84
C LEU A 47 9.54 12.82 6.57
N LEU A 48 8.95 13.41 5.53
CA LEU A 48 8.69 12.73 4.26
C LEU A 48 9.81 13.09 3.30
N ALA A 49 10.71 12.15 3.06
CA ALA A 49 11.83 12.37 2.17
C ALA A 49 11.34 12.61 0.75
N LYS A 50 11.89 13.65 0.11
CA LYS A 50 11.43 14.04 -1.22
C LYS A 50 12.59 14.14 -2.21
N GLU A 51 13.65 14.86 -1.83
CA GLU A 51 14.79 15.09 -2.72
C GLU A 51 16.07 14.59 -2.04
N LEU A 52 17.06 14.27 -2.86
CA LEU A 52 18.35 13.79 -2.37
C LEU A 52 19.48 14.45 -3.15
N ILE A 53 20.50 14.90 -2.43
CA ILE A 53 21.68 15.53 -3.00
C ILE A 53 22.89 14.71 -2.56
N LEU A 54 23.73 14.33 -3.52
CA LEU A 54 24.90 13.51 -3.24
C LEU A 54 26.16 14.32 -3.57
N VAL A 55 27.01 14.49 -2.57
CA VAL A 55 28.25 15.26 -2.76
C VAL A 55 29.29 14.35 -3.42
N PRO A 56 29.96 14.79 -4.48
CA PRO A 56 30.97 13.94 -5.11
C PRO A 56 32.14 13.69 -4.17
N TYR A 57 32.72 12.50 -4.29
CA TYR A 57 33.91 12.20 -3.50
C TYR A 57 35.07 13.10 -3.94
N GLU A 58 35.17 13.38 -5.24
CA GLU A 58 36.29 14.17 -5.76
C GLU A 58 36.27 15.58 -5.19
N GLU A 59 35.08 16.15 -4.99
CA GLU A 59 34.99 17.49 -4.42
C GLU A 59 35.25 17.51 -2.92
N CYS A 60 35.37 16.36 -2.28
CA CYS A 60 35.69 16.26 -0.86
C CYS A 60 37.20 16.23 -0.68
N LYS A 61 37.62 16.57 0.54
CA LYS A 61 39.03 16.70 0.90
C LYS A 61 39.53 15.50 1.68
N SER A 62 39.17 15.38 2.96
CA SER A 62 39.76 14.38 3.85
C SER A 62 38.84 13.17 3.99
N ARG A 63 38.56 12.54 2.86
CA ARG A 63 37.80 11.30 2.88
C ARG A 63 38.64 10.17 3.45
N THR A 64 38.53 9.95 4.75
CA THR A 64 39.20 8.86 5.46
C THR A 64 38.12 7.93 6.03
N SER A 65 38.56 6.83 6.63
CA SER A 65 37.60 5.83 7.11
C SER A 65 36.67 6.40 8.17
N ASP A 66 37.13 7.39 8.92
CA ASP A 66 36.41 7.98 10.04
C ASP A 66 35.90 9.38 9.75
N PHE A 67 36.48 10.08 8.78
CA PHE A 67 36.18 11.49 8.61
C PHE A 67 35.99 11.86 7.14
N ILE A 68 35.29 12.97 6.92
CA ILE A 68 35.08 13.52 5.59
C ILE A 68 34.89 15.03 5.73
N ALA A 69 35.46 15.77 4.79
CA ALA A 69 35.29 17.22 4.69
C ALA A 69 34.77 17.54 3.29
N TRP A 70 33.63 18.20 3.21
CA TRP A 70 32.98 18.48 1.94
C TRP A 70 32.59 19.93 1.81
N PRO A 71 32.37 20.39 0.58
CA PRO A 71 32.17 21.84 0.35
C PRO A 71 30.83 22.32 0.89
N GLY A 72 30.78 23.61 1.21
CA GLY A 72 29.54 24.20 1.67
C GLY A 72 28.56 24.45 0.54
N ASN A 73 29.06 24.54 -0.70
CA ASN A 73 28.18 24.80 -1.83
C ASN A 73 27.01 23.83 -1.87
N TYR A 74 27.25 22.56 -1.57
CA TYR A 74 26.17 21.58 -1.58
C TYR A 74 25.19 21.84 -0.44
N LEU A 75 25.69 22.33 0.70
CA LEU A 75 24.78 22.76 1.75
C LEU A 75 23.90 23.90 1.27
N GLU A 76 24.43 24.78 0.42
CA GLU A 76 23.68 25.95 0.00
C GLU A 76 22.60 25.61 -1.02
N LYS A 77 22.78 24.53 -1.79
CA LYS A 77 21.71 24.09 -2.68
C LYS A 77 20.51 23.60 -1.90
N ALA A 78 20.74 22.68 -0.95
CA ALA A 78 19.67 22.20 -0.09
C ALA A 78 18.88 23.35 0.50
N ILE A 79 19.59 24.34 1.06
CA ILE A 79 18.93 25.53 1.61
C ILE A 79 17.92 26.08 0.61
N ASP A 80 18.38 26.38 -0.61
CA ASP A 80 17.48 26.97 -1.61
C ASP A 80 16.44 25.97 -2.10
N VAL A 81 16.77 24.68 -2.15
CA VAL A 81 15.78 23.70 -2.56
C VAL A 81 14.67 23.60 -1.53
N ALA A 82 14.97 23.93 -0.27
CA ALA A 82 14.02 23.84 0.82
C ALA A 82 13.45 25.18 1.23
N GLU A 83 13.66 26.23 0.42
CA GLU A 83 13.25 27.57 0.84
C GLU A 83 11.78 27.84 0.52
N GLU A 84 11.32 27.41 -0.65
CA GLU A 84 9.95 27.70 -1.08
C GLU A 84 8.95 27.16 -0.06
N LYS A 85 9.11 25.90 0.34
CA LYS A 85 8.20 25.27 1.28
C LYS A 85 8.80 25.13 2.68
N SER A 86 9.90 25.82 2.97
CA SER A 86 10.57 25.70 4.26
C SER A 86 10.74 24.22 4.63
N MET A 87 11.20 23.43 3.65
CA MET A 87 11.37 22.01 3.85
C MET A 87 12.51 21.73 4.84
N SER A 88 12.41 20.58 5.51
CA SER A 88 13.48 20.14 6.38
C SER A 88 14.68 19.69 5.57
N ILE A 89 15.85 19.67 6.24
CA ILE A 89 17.11 19.31 5.59
C ILE A 89 17.87 18.41 6.54
N ILE A 90 18.10 17.17 6.14
CA ILE A 90 18.73 16.15 6.97
C ILE A 90 20.02 15.73 6.30
N LEU A 91 21.15 16.10 6.89
CA LEU A 91 22.44 15.66 6.38
C LEU A 91 22.69 14.21 6.74
N ILE A 92 23.33 13.47 5.84
CA ILE A 92 23.60 12.05 6.04
C ILE A 92 25.09 11.82 5.85
N HIS A 93 25.63 10.86 6.60
CA HIS A 93 27.03 10.48 6.50
C HIS A 93 27.17 8.98 6.74
N SER A 94 28.38 8.49 6.55
CA SER A 94 28.65 7.06 6.70
C SER A 94 28.73 6.70 8.19
N HIS A 95 28.94 5.41 8.47
CA HIS A 95 28.68 4.88 9.81
C HIS A 95 29.27 5.72 10.93
N PRO A 96 30.55 6.12 10.90
CA PRO A 96 31.09 6.96 11.98
C PRO A 96 30.34 8.28 12.03
N GLY A 97 30.33 8.97 10.91
CA GLY A 97 29.60 10.21 10.78
C GLY A 97 30.38 11.47 11.10
N GLY A 98 31.70 11.39 11.21
CA GLY A 98 32.50 12.56 11.55
C GLY A 98 32.79 13.44 10.35
N PHE A 99 32.45 14.71 10.43
CA PHE A 99 32.55 15.56 9.24
C PHE A 99 32.74 17.03 9.63
N LEU A 100 33.13 17.80 8.62
CA LEU A 100 33.17 19.25 8.64
C LEU A 100 32.72 19.75 7.27
N VAL A 101 32.15 20.94 7.23
CA VAL A 101 31.73 21.56 5.99
C VAL A 101 32.72 22.69 5.70
N PHE A 102 33.70 22.43 4.83
CA PHE A 102 34.69 23.46 4.49
C PHE A 102 34.06 24.46 3.51
N SER A 103 34.47 25.71 3.63
CA SER A 103 33.95 26.79 2.80
C SER A 103 35.11 27.62 2.28
N ASP A 104 34.79 28.63 1.47
CA ASP A 104 35.83 29.49 0.92
C ASP A 104 36.62 30.18 2.03
N THR A 105 35.93 30.59 3.10
CA THR A 105 36.58 31.32 4.19
C THR A 105 37.20 30.38 5.21
N ALA A 106 36.42 29.44 5.76
CA ALA A 106 36.93 28.59 6.83
C ALA A 106 36.12 27.31 6.88
N ASP A 107 36.36 26.50 7.92
CA ASP A 107 35.74 25.19 8.08
C ASP A 107 34.75 25.23 9.23
N SER A 108 33.57 24.65 9.03
CA SER A 108 32.51 24.63 10.03
C SER A 108 32.38 23.23 10.60
N SER A 109 32.09 23.17 11.91
CA SER A 109 31.85 21.92 12.62
C SER A 109 30.40 21.46 12.44
N ASP A 110 30.15 20.22 12.83
CA ASP A 110 28.81 19.66 12.67
C ASP A 110 27.77 20.58 13.28
N MET A 111 28.04 21.14 14.46
CA MET A 111 27.05 22.01 15.11
C MET A 111 26.92 23.34 14.38
N GLN A 112 28.03 23.89 13.89
CA GLN A 112 27.97 25.15 13.17
C GLN A 112 27.11 25.02 11.92
N THR A 113 27.23 23.89 11.22
CA THR A 113 26.53 23.75 9.94
C THR A 113 25.04 23.58 10.17
N MET A 114 24.64 22.88 11.24
CA MET A 114 23.22 22.77 11.55
C MET A 114 22.65 24.14 11.87
N GLN A 115 23.41 24.99 12.55
CA GLN A 115 22.97 26.36 12.80
C GLN A 115 22.83 27.13 11.50
N SER A 116 23.77 26.93 10.57
CA SER A 116 23.68 27.59 9.28
C SER A 116 22.45 27.15 8.52
N LEU A 117 22.20 25.83 8.49
CA LEU A 117 21.03 25.32 7.81
C LEU A 117 19.76 25.95 8.35
N PHE A 118 19.65 26.10 9.68
CA PHE A 118 18.47 26.72 10.24
C PHE A 118 18.42 28.22 9.90
N GLN A 119 19.57 28.90 9.84
CA GLN A 119 19.59 30.30 9.38
C GLN A 119 19.01 30.44 7.97
N GLY A 120 19.31 29.47 7.10
CA GLY A 120 18.78 29.54 5.75
C GLY A 120 17.29 29.22 5.68
N VAL A 121 16.86 28.18 6.39
CA VAL A 121 15.48 27.72 6.35
C VAL A 121 14.95 27.64 7.77
N ASP A 122 13.81 28.30 8.01
CA ASP A 122 13.19 28.33 9.34
C ASP A 122 12.35 27.06 9.50
N ALA A 123 13.02 25.98 9.83
CA ALA A 123 12.34 24.70 9.98
C ALA A 123 13.24 23.74 10.75
N ILE A 124 12.64 22.62 11.16
CA ILE A 124 13.39 21.56 11.82
C ILE A 124 14.38 20.97 10.83
N HIS A 125 15.58 20.68 11.31
CA HIS A 125 16.61 20.03 10.49
C HIS A 125 17.13 18.80 11.25
N GLY A 126 18.17 18.17 10.74
CA GLY A 126 18.68 16.99 11.39
C GLY A 126 19.97 16.51 10.78
N SER A 127 20.63 15.60 11.50
CA SER A 127 21.86 14.97 11.04
C SER A 127 21.73 13.46 11.26
N ALA A 128 21.97 12.67 10.22
CA ALA A 128 21.75 11.24 10.29
C ALA A 128 23.00 10.47 9.85
N ILE A 129 23.02 9.20 10.22
CA ILE A 129 24.14 8.31 9.94
C ILE A 129 23.57 7.01 9.37
N MET A 130 24.27 6.44 8.39
CA MET A 130 23.93 5.15 7.82
C MET A 130 25.12 4.20 7.98
N ILE A 131 24.82 2.93 8.22
CA ILE A 131 25.83 1.89 8.27
C ILE A 131 25.70 1.05 7.00
N HIS A 132 26.70 0.20 6.76
CA HIS A 132 26.73 -0.55 5.51
C HIS A 132 25.43 -1.27 5.26
N SER A 133 24.84 -1.84 6.31
CA SER A 133 23.60 -2.58 6.13
C SER A 133 22.48 -1.70 5.58
N GLY A 134 22.54 -0.41 5.87
CA GLY A 134 21.50 0.52 5.50
C GLY A 134 20.71 1.06 6.67
N GLU A 135 20.75 0.39 7.82
CA GLU A 135 20.14 0.90 9.03
C GLU A 135 20.57 2.35 9.27
N MET A 136 19.60 3.21 9.56
CA MET A 136 19.83 4.63 9.73
C MET A 136 19.46 5.08 11.14
N ARG A 137 20.28 5.96 11.70
CA ARG A 137 20.00 6.65 12.95
C ARG A 137 20.06 8.15 12.68
N ALA A 138 19.18 8.91 13.31
CA ALA A 138 19.08 10.34 13.02
C ALA A 138 18.80 11.12 14.29
N ARG A 139 19.09 12.42 14.21
CA ARG A 139 18.82 13.37 15.28
C ARG A 139 18.27 14.65 14.68
N LEU A 140 17.32 15.27 15.38
CA LEU A 140 16.72 16.52 14.95
C LEU A 140 17.40 17.70 15.65
N TYR A 141 17.56 18.80 14.92
CA TYR A 141 18.11 20.04 15.44
C TYR A 141 17.04 21.13 15.28
N ARG A 142 16.34 21.43 16.37
CA ARG A 142 15.37 22.51 16.37
C ARG A 142 16.09 23.83 16.67
N GLU A 143 15.72 24.88 15.94
CA GLU A 143 16.39 26.17 16.06
C GLU A 143 17.89 26.02 15.84
N GLY A 144 18.28 25.12 14.93
CA GLY A 144 19.69 24.88 14.67
C GLY A 144 20.47 24.34 15.86
N LYS A 145 19.77 23.77 16.84
CA LYS A 145 20.38 23.33 18.08
C LYS A 145 19.99 21.89 18.38
N PHE A 146 20.97 21.11 18.83
CA PHE A 146 20.78 19.75 19.33
C PHE A 146 19.44 19.61 20.01
N ALA A 147 18.56 18.77 19.45
CA ALA A 147 17.22 18.57 19.99
C ALA A 147 16.89 17.08 20.07
N GLU A 148 15.61 16.75 19.96
CA GLU A 148 15.18 15.38 20.17
C GLU A 148 15.73 14.46 19.08
N ASN A 149 15.94 13.20 19.43
CA ASN A 149 16.43 12.17 18.52
C ASN A 149 15.25 11.49 17.84
N VAL A 150 15.45 11.10 16.59
CA VAL A 150 14.38 10.47 15.82
C VAL A 150 14.05 9.12 16.42
N GLU A 151 12.76 8.90 16.69
CA GLU A 151 12.34 7.63 17.30
C GLU A 151 12.43 6.50 16.28
N LEU A 152 11.91 6.70 15.08
CA LEU A 152 11.89 5.66 14.06
C LEU A 152 12.30 6.25 12.71
N VAL A 153 13.29 5.61 12.10
CA VAL A 153 13.63 5.80 10.69
C VAL A 153 13.14 4.55 9.96
N THR A 154 12.25 4.72 9.00
CA THR A 154 11.63 3.59 8.34
C THR A 154 11.71 3.72 6.83
N VAL A 155 11.82 2.56 6.19
CA VAL A 155 11.79 2.42 4.73
C VAL A 155 10.88 1.23 4.44
N ALA A 156 9.72 1.50 3.85
CA ALA A 156 8.78 0.45 3.45
C ALA A 156 9.02 0.16 1.97
N GLY A 157 9.80 -0.89 1.70
CA GLY A 157 10.01 -1.33 0.34
C GLY A 157 9.39 -2.71 0.12
N ASP A 158 10.03 -3.54 -0.71
CA ASP A 158 9.63 -4.94 -0.79
C ASP A 158 9.71 -5.59 0.58
N ASP A 159 10.78 -5.31 1.33
CA ASP A 159 10.88 -5.60 2.74
C ASP A 159 10.66 -4.30 3.52
N ILE A 160 9.96 -4.39 4.64
CA ILE A 160 9.68 -3.23 5.49
C ILE A 160 10.75 -3.17 6.57
N HIS A 161 11.39 -2.01 6.70
CA HIS A 161 12.47 -1.82 7.65
C HIS A 161 12.05 -0.82 8.72
N TYR A 162 12.32 -1.18 9.97
CA TYR A 162 12.04 -0.33 11.13
C TYR A 162 13.32 -0.22 11.95
N TRP A 163 13.93 0.96 11.94
CA TRP A 163 15.18 1.22 12.65
C TRP A 163 14.84 2.12 13.84
N TRP A 164 14.75 1.52 15.03
CA TRP A 164 14.35 2.23 16.23
C TRP A 164 15.57 2.80 16.94
N ASP A 165 15.37 3.96 17.58
CA ASP A 165 16.46 4.59 18.31
C ASP A 165 16.81 3.81 19.58
N ASP A 166 15.80 3.24 20.23
CA ASP A 166 16.05 2.47 21.45
C ASP A 166 16.84 1.20 21.15
N LYS A 167 16.73 0.69 19.93
CA LYS A 167 17.48 -0.50 19.54
C LYS A 167 18.97 -0.18 19.46
N THR A 168 19.79 -1.20 19.72
CA THR A 168 21.23 -1.04 19.69
C THR A 168 21.83 -1.74 18.47
N LEU A 172 19.34 -9.31 17.93
CA LEU A 172 19.29 -9.59 16.50
C LEU A 172 17.88 -9.34 15.96
N LYS A 173 17.72 -9.35 14.64
CA LYS A 173 16.39 -9.20 14.06
C LYS A 173 15.48 -10.33 14.55
N PRO A 174 14.30 -10.03 15.07
CA PRO A 174 13.39 -11.11 15.45
C PRO A 174 12.81 -11.78 14.21
N ILE A 175 12.66 -13.12 14.30
CA ILE A 175 12.00 -13.88 13.25
C ILE A 175 10.50 -13.69 13.43
N ALA A 176 9.72 -14.07 12.43
CA ALA A 176 8.29 -13.85 12.48
C ALA A 176 7.66 -14.58 13.65
N PHE A 177 6.53 -14.03 14.12
CA PHE A 177 5.61 -14.66 15.07
C PHE A 177 6.14 -14.64 16.49
N THR A 178 7.33 -14.08 16.73
CA THR A 178 7.94 -14.12 18.05
C THR A 178 7.54 -12.89 18.88
N SER A 179 8.09 -12.81 20.10
CA SER A 179 7.88 -11.63 20.92
C SER A 179 8.49 -10.39 20.28
N GLY A 180 9.59 -10.54 19.55
CA GLY A 180 10.17 -9.39 18.86
C GLY A 180 9.23 -8.80 17.84
N MET A 181 8.49 -9.66 17.12
CA MET A 181 7.46 -9.16 16.23
C MET A 181 6.40 -8.39 17.02
N THR A 182 5.90 -8.99 18.10
CA THR A 182 4.90 -8.34 18.93
C THR A 182 5.34 -6.96 19.39
N ASP A 183 6.60 -6.83 19.81
CA ASP A 183 7.08 -5.55 20.33
C ASP A 183 7.21 -4.52 19.21
N THR A 184 7.56 -4.95 18.00
CA THR A 184 7.58 -4.03 16.87
C THR A 184 6.19 -3.48 16.60
N PHE A 185 5.19 -4.36 16.57
CA PHE A 185 3.82 -3.92 16.28
C PHE A 185 3.31 -3.01 17.40
N GLN A 186 3.72 -3.26 18.64
CA GLN A 186 3.25 -2.44 19.74
C GLN A 186 3.66 -0.99 19.58
N LYS A 187 4.75 -0.73 18.86
CA LYS A 187 5.24 0.63 18.66
C LYS A 187 4.69 1.28 17.40
N LEU A 188 3.81 0.60 16.67
CA LEU A 188 3.32 1.10 15.39
C LEU A 188 1.82 1.35 15.46
N THR A 189 1.35 2.15 14.50
CA THR A 189 -0.05 2.45 14.31
C THR A 189 -0.52 1.82 13.00
N ALA A 190 -1.78 1.38 12.99
CA ALA A 190 -2.35 0.70 11.84
C ALA A 190 -3.76 1.22 11.61
N ALA A 191 -4.02 1.70 10.40
CA ALA A 191 -5.33 2.20 10.02
C ALA A 191 -6.08 1.14 9.23
N ILE A 192 -7.33 0.89 9.62
CA ILE A 192 -8.21 -0.05 8.95
C ILE A 192 -9.29 0.77 8.27
N ILE A 193 -9.24 0.84 6.94
CA ILE A 193 -10.22 1.61 6.16
C ILE A 193 -11.27 0.61 5.69
N GLY A 194 -12.41 0.60 6.37
CA GLY A 194 -13.43 -0.40 6.12
C GLY A 194 -13.42 -1.48 7.18
N VAL A 195 -14.46 -1.54 8.00
CA VAL A 195 -14.54 -2.51 9.07
C VAL A 195 -15.81 -3.34 8.90
N SER A 196 -15.92 -4.03 7.77
CA SER A 196 -17.09 -4.87 7.51
C SER A 196 -16.68 -6.02 6.61
N GLY A 197 -16.85 -7.24 7.11
CA GLY A 197 -16.58 -8.42 6.31
C GLY A 197 -15.11 -8.78 6.24
N THR A 198 -14.36 -8.13 5.35
CA THR A 198 -12.92 -8.33 5.31
C THR A 198 -12.23 -7.51 6.40
N GLY A 199 -12.65 -6.26 6.57
CA GLY A 199 -11.96 -5.36 7.48
C GLY A 199 -12.11 -5.72 8.95
N SER A 200 -13.24 -6.31 9.33
CA SER A 200 -13.39 -6.75 10.72
C SER A 200 -12.44 -7.90 11.02
N ILE A 201 -12.18 -8.76 10.04
CA ILE A 201 -11.21 -9.84 10.23
C ILE A 201 -9.80 -9.27 10.31
N VAL A 202 -9.50 -8.28 9.46
CA VAL A 202 -8.19 -7.64 9.51
C VAL A 202 -8.00 -6.90 10.82
N ALA A 203 -9.03 -6.16 11.25
CA ALA A 203 -8.94 -5.44 12.51
C ALA A 203 -8.72 -6.39 13.67
N GLU A 204 -9.43 -7.52 13.67
CA GLU A 204 -9.24 -8.52 14.72
C GLU A 204 -7.79 -8.98 14.78
N GLN A 205 -7.23 -9.35 13.62
CA GLN A 205 -5.84 -9.83 13.60
C GLN A 205 -4.88 -8.76 14.11
N VAL A 206 -5.04 -7.53 13.64
CA VAL A 206 -4.17 -6.44 14.08
C VAL A 206 -4.20 -6.30 15.61
N ALA A 207 -5.39 -6.38 16.20
CA ALA A 207 -5.52 -6.17 17.64
C ALA A 207 -4.82 -7.27 18.42
N ARG A 208 -5.05 -8.54 18.02
CA ARG A 208 -4.45 -9.66 18.73
C ARG A 208 -2.98 -9.83 18.39
N LEU A 209 -2.53 -9.35 17.23
CA LEU A 209 -1.10 -9.28 16.95
C LEU A 209 -0.37 -8.33 17.89
N GLY A 210 -1.09 -7.38 18.47
CA GLY A 210 -0.52 -6.50 19.48
C GLY A 210 -0.10 -5.15 18.95
N PHE A 211 -0.88 -4.58 18.03
CA PHE A 211 -0.58 -3.25 17.51
C PHE A 211 -0.94 -2.19 18.55
N GLY A 212 0.00 -1.26 18.79
CA GLY A 212 -0.18 -0.28 19.84
C GLY A 212 -1.35 0.64 19.61
N GLU A 213 -1.64 0.96 18.35
CA GLU A 213 -2.73 1.89 18.03
C GLU A 213 -3.40 1.45 16.73
N ILE A 214 -4.74 1.45 16.75
CA ILE A 214 -5.55 0.94 15.66
C ILE A 214 -6.60 1.97 15.32
N LEU A 215 -6.56 2.49 14.10
CA LEU A 215 -7.57 3.41 13.61
C LEU A 215 -8.64 2.64 12.85
N LEU A 216 -9.88 3.13 12.93
CA LEU A 216 -11.03 2.50 12.30
C LEU A 216 -11.82 3.58 11.56
N ILE A 217 -12.03 3.38 10.27
CA ILE A 217 -12.64 4.39 9.41
C ILE A 217 -13.77 3.73 8.61
N ASP A 218 -15.00 3.93 9.06
CA ASP A 218 -16.17 3.44 8.34
C ASP A 218 -17.37 4.29 8.76
N HIS A 219 -18.31 4.46 7.85
CA HIS A 219 -19.52 5.23 8.11
C HIS A 219 -20.75 4.35 8.28
N ASP A 220 -20.66 3.06 7.94
CA ASP A 220 -21.81 2.17 8.02
C ASP A 220 -22.01 1.67 9.44
N HIS A 221 -23.09 0.92 9.64
CA HIS A 221 -23.45 0.43 10.98
C HIS A 221 -23.87 -1.03 10.89
N ILE A 222 -23.79 -1.70 12.05
CA ILE A 222 -24.15 -3.11 12.12
C ILE A 222 -25.63 -3.25 11.79
N GLU A 223 -25.97 -4.38 11.16
CA GLU A 223 -27.36 -4.70 10.88
C GLU A 223 -27.53 -6.21 10.83
N LYS A 224 -28.78 -6.65 10.86
CA LYS A 224 -29.06 -8.08 10.82
C LYS A 224 -28.37 -8.74 9.63
N LYS A 225 -28.37 -8.06 8.48
CA LYS A 225 -27.83 -8.65 7.27
C LYS A 225 -26.37 -9.07 7.44
N ASN A 226 -25.58 -8.28 8.17
CA ASN A 226 -24.16 -8.51 8.28
C ASN A 226 -23.76 -9.23 9.56
N LEU A 227 -24.74 -9.69 10.35
CA LEU A 227 -24.40 -10.52 11.50
C LEU A 227 -23.76 -11.84 11.09
N ASN A 228 -23.72 -12.16 9.80
CA ASN A 228 -23.05 -13.36 9.32
C ASN A 228 -21.59 -13.11 8.97
N ARG A 229 -21.13 -11.87 9.00
CA ARG A 229 -19.77 -11.58 8.56
C ARG A 229 -18.96 -10.76 9.56
N ILE A 230 -19.56 -9.78 10.24
CA ILE A 230 -18.80 -8.87 11.08
C ILE A 230 -18.40 -9.58 12.35
N LEU A 231 -17.09 -9.57 12.65
CA LEU A 231 -16.62 -10.15 13.89
C LEU A 231 -16.96 -9.24 15.07
N ASN A 232 -17.27 -9.86 16.21
CA ASN A 232 -17.62 -9.21 17.47
C ASN A 232 -18.99 -8.54 17.42
N SER A 233 -19.72 -8.65 16.32
CA SER A 233 -21.05 -8.06 16.22
C SER A 233 -22.07 -8.97 16.90
N THR A 234 -23.04 -8.36 17.57
CA THR A 234 -24.12 -9.07 18.24
C THR A 234 -25.45 -8.67 17.63
N LEU A 235 -26.47 -9.49 17.87
CA LEU A 235 -27.82 -9.11 17.47
C LEU A 235 -28.21 -7.77 18.10
N LYS A 236 -27.86 -7.58 19.38
CA LYS A 236 -28.14 -6.30 20.03
C LYS A 236 -27.52 -5.15 19.25
N ASP A 237 -26.27 -5.33 18.80
CA ASP A 237 -25.65 -4.29 17.98
C ASP A 237 -26.46 -4.02 16.72
N ALA A 238 -27.05 -5.07 16.14
CA ALA A 238 -27.83 -4.90 14.91
C ALA A 238 -29.14 -4.19 15.18
N LEU A 239 -29.77 -4.48 16.33
CA LEU A 239 -31.04 -3.83 16.66
C LEU A 239 -30.84 -2.36 16.99
N SER A 240 -29.67 -2.00 17.50
CA SER A 240 -29.36 -0.61 17.83
C SER A 240 -28.66 0.12 16.68
N HIS A 241 -28.41 -0.55 15.55
CA HIS A 241 -27.67 0.03 14.44
C HIS A 241 -26.39 0.71 14.94
N ARG A 242 -25.61 -0.02 15.71
CA ARG A 242 -24.38 0.54 16.28
C ARG A 242 -23.36 0.79 15.19
N PRO A 243 -22.73 1.97 15.15
CA PRO A 243 -21.67 2.21 14.16
C PRO A 243 -20.63 1.09 14.21
N LYS A 244 -20.26 0.59 13.02
CA LYS A 244 -19.31 -0.51 12.97
C LYS A 244 -18.00 -0.15 13.66
N VAL A 245 -17.54 1.09 13.51
CA VAL A 245 -16.29 1.48 14.13
C VAL A 245 -16.43 1.50 15.66
N ASP A 246 -17.56 2.02 16.15
CA ASP A 246 -17.77 2.08 17.60
C ASP A 246 -17.85 0.67 18.19
N MET A 247 -18.54 -0.24 17.50
CA MET A 247 -18.63 -1.61 17.98
C MET A 247 -17.25 -2.23 18.11
N PHE A 248 -16.45 -2.15 17.05
CA PHE A 248 -15.14 -2.81 17.10
C PHE A 248 -14.21 -2.11 18.08
N ALA A 249 -14.32 -0.79 18.22
CA ALA A 249 -13.48 -0.08 19.18
C ALA A 249 -13.69 -0.62 20.59
N GLU A 250 -14.96 -0.81 20.97
CA GLU A 250 -15.23 -1.38 22.29
C GLU A 250 -14.72 -2.81 22.37
N ALA A 251 -14.83 -3.57 21.28
CA ALA A 251 -14.31 -4.93 21.25
C ALA A 251 -12.80 -4.94 21.51
N ILE A 252 -12.05 -4.20 20.68
CA ILE A 252 -10.62 -4.07 20.90
C ILE A 252 -10.33 -3.68 22.35
N ARG A 253 -11.09 -2.70 22.87
CA ARG A 253 -10.90 -2.26 24.24
C ARG A 253 -10.99 -3.42 25.21
N CYS A 254 -12.04 -4.22 25.11
CA CYS A 254 -12.21 -5.35 26.03
C CYS A 254 -11.13 -6.40 25.80
N ILE A 255 -10.73 -6.60 24.55
CA ILE A 255 -9.75 -7.63 24.23
C ILE A 255 -8.39 -7.25 24.81
N ARG A 256 -7.90 -6.06 24.48
CA ARG A 256 -6.58 -5.63 24.91
C ARG A 256 -6.53 -5.17 26.35
N GLY A 257 -7.67 -4.78 26.94
CA GLY A 257 -7.66 -4.21 28.26
C GLY A 257 -7.23 -2.76 28.29
N GLU A 258 -7.21 -2.09 27.14
CA GLU A 258 -6.77 -0.71 27.01
C GLU A 258 -7.47 -0.10 25.80
N ASP A 259 -7.80 1.18 25.89
CA ASP A 259 -8.49 1.87 24.81
C ASP A 259 -7.44 2.33 23.81
N ILE A 260 -7.01 1.41 22.96
CA ILE A 260 -6.00 1.69 21.95
C ILE A 260 -6.58 1.95 20.57
N SER A 261 -7.90 1.84 20.43
CA SER A 261 -8.57 2.05 19.16
C SER A 261 -9.00 3.51 19.01
N ARG A 262 -9.15 3.94 17.76
CA ARG A 262 -9.62 5.30 17.45
C ARG A 262 -10.75 5.19 16.43
N PRO A 263 -12.00 5.08 16.89
CA PRO A 263 -13.12 4.96 15.96
C PRO A 263 -13.39 6.28 15.23
N ILE A 264 -13.55 6.18 13.91
CA ILE A 264 -13.91 7.32 13.06
C ILE A 264 -15.18 6.92 12.32
N ASN A 265 -16.31 7.47 12.75
CA ASN A 265 -17.59 7.23 12.06
C ASN A 265 -17.74 8.23 10.91
N ASN A 266 -16.97 7.98 9.86
CA ASN A 266 -16.94 8.86 8.69
C ASN A 266 -16.39 8.07 7.51
N THR A 267 -16.61 8.60 6.31
CA THR A 267 -16.03 8.02 5.12
C THR A 267 -14.57 8.44 5.01
N ILE A 268 -13.78 7.60 4.32
CA ILE A 268 -12.39 7.95 4.08
C ILE A 268 -12.29 9.20 3.20
N PHE A 269 -13.36 9.53 2.48
CA PHE A 269 -13.42 10.73 1.65
C PHE A 269 -13.83 11.93 2.52
N SER A 270 -12.97 12.23 3.48
CA SER A 270 -13.16 13.36 4.39
C SER A 270 -11.80 13.76 4.95
N ARG A 271 -11.64 15.06 5.20
CA ARG A 271 -10.39 15.53 5.78
C ARG A 271 -10.08 14.83 7.08
N GLU A 272 -11.11 14.63 7.92
CA GLU A 272 -10.91 13.97 9.20
C GLU A 272 -10.23 12.62 9.01
N ALA A 273 -10.81 11.77 8.17
CA ALA A 273 -10.26 10.42 7.98
C ALA A 273 -8.86 10.50 7.39
N VAL A 274 -8.69 11.29 6.33
CA VAL A 274 -7.39 11.38 5.68
C VAL A 274 -6.32 11.77 6.68
N LEU A 275 -6.59 12.78 7.50
CA LEU A 275 -5.56 13.29 8.40
C LEU A 275 -5.31 12.34 9.56
N ALA A 276 -6.32 11.58 9.98
CA ALA A 276 -6.08 10.52 10.95
C ALA A 276 -5.25 9.39 10.34
N ALA A 277 -5.65 8.95 9.14
CA ALA A 277 -4.91 7.87 8.48
C ALA A 277 -3.47 8.26 8.19
N ALA A 278 -3.20 9.56 8.03
CA ALA A 278 -1.85 9.99 7.69
C ALA A 278 -0.86 9.70 8.81
N ASN A 279 -1.33 9.49 10.03
CA ASN A 279 -0.45 9.16 11.15
C ASN A 279 -0.16 7.67 11.25
N ALA A 280 -0.87 6.84 10.50
CA ALA A 280 -0.65 5.39 10.57
C ALA A 280 0.70 5.02 9.98
N ASP A 281 1.26 3.94 10.50
CA ASP A 281 2.47 3.36 9.93
C ASP A 281 2.15 2.34 8.84
N VAL A 282 0.92 1.87 8.78
CA VAL A 282 0.49 0.91 7.77
C VAL A 282 -1.00 1.10 7.52
N LEU A 283 -1.39 1.08 6.26
CA LEU A 283 -2.78 1.21 5.86
C LEU A 283 -3.32 -0.14 5.41
N PHE A 284 -4.51 -0.49 5.90
CA PHE A 284 -5.22 -1.70 5.48
C PHE A 284 -6.53 -1.28 4.83
N CYS A 285 -6.59 -1.33 3.50
CA CYS A 285 -7.78 -0.90 2.78
C CYS A 285 -8.69 -2.10 2.53
N CYS A 286 -9.83 -2.12 3.21
CA CYS A 286 -10.82 -3.19 3.10
C CYS A 286 -12.18 -2.63 2.74
N VAL A 287 -12.20 -1.67 1.80
CA VAL A 287 -13.43 -0.99 1.41
C VAL A 287 -14.11 -1.81 0.32
N ASP A 288 -15.24 -1.31 -0.18
CA ASP A 288 -15.95 -1.98 -1.27
C ASP A 288 -16.38 -0.99 -2.34
N THR A 289 -15.68 0.13 -2.46
CA THR A 289 -15.95 1.13 -3.49
C THR A 289 -14.64 1.49 -4.18
N TYR A 290 -14.74 1.78 -5.49
CA TYR A 290 -13.56 2.19 -6.23
C TYR A 290 -13.05 3.54 -5.76
N LEU A 291 -13.97 4.45 -5.40
CA LEU A 291 -13.56 5.78 -4.93
C LEU A 291 -12.71 5.67 -3.67
N ALA A 292 -13.18 4.89 -2.69
CA ALA A 292 -12.44 4.75 -1.45
C ALA A 292 -11.05 4.17 -1.69
N ARG A 293 -10.92 3.28 -2.67
CA ARG A 293 -9.60 2.75 -2.99
C ARG A 293 -8.67 3.85 -3.47
N MET A 294 -9.19 4.76 -4.29
CA MET A 294 -8.36 5.86 -4.79
C MET A 294 -7.89 6.74 -3.64
N ILE A 295 -8.77 7.05 -2.69
CA ILE A 295 -8.38 7.87 -1.55
C ILE A 295 -7.23 7.21 -0.79
N ALA A 296 -7.40 5.94 -0.43
CA ALA A 296 -6.35 5.21 0.27
C ALA A 296 -5.05 5.26 -0.51
N ASP A 297 -5.13 5.09 -1.83
CA ASP A 297 -3.96 5.13 -2.69
C ASP A 297 -3.26 6.48 -2.59
N ARG A 298 -4.03 7.57 -2.56
CA ARG A 298 -3.41 8.90 -2.51
C ARG A 298 -2.83 9.19 -1.13
N ILE A 299 -3.45 8.69 -0.06
CA ILE A 299 -2.88 8.86 1.28
C ILE A 299 -1.56 8.13 1.38
N ALA A 300 -1.49 6.91 0.83
CA ALA A 300 -0.27 6.12 0.94
C ALA A 300 0.90 6.81 0.24
N SER A 301 0.65 7.45 -0.90
CA SER A 301 1.72 8.13 -1.61
C SER A 301 2.10 9.44 -0.91
N SER A 302 1.10 10.21 -0.49
CA SER A 302 1.37 11.53 0.08
C SER A 302 2.19 11.41 1.36
N PHE A 303 1.77 10.54 2.27
CA PHE A 303 2.39 10.42 3.59
C PHE A 303 3.30 9.21 3.70
N LEU A 304 3.63 8.57 2.58
CA LEU A 304 4.65 7.52 2.53
C LEU A 304 4.35 6.40 3.50
N ILE A 305 3.14 5.86 3.40
CA ILE A 305 2.66 4.79 4.28
C ILE A 305 2.50 3.53 3.42
N PRO A 306 3.08 2.40 3.82
CA PRO A 306 2.81 1.15 3.09
C PRO A 306 1.32 0.83 3.11
N LEU A 307 0.84 0.24 2.02
CA LEU A 307 -0.58 0.00 1.84
C LEU A 307 -0.84 -1.45 1.45
N LEU A 308 -1.86 -2.03 2.05
CA LEU A 308 -2.31 -3.39 1.76
C LEU A 308 -3.80 -3.36 1.46
N ASP A 309 -4.15 -3.57 0.20
CA ASP A 309 -5.52 -3.51 -0.28
C ASP A 309 -6.03 -4.92 -0.50
N VAL A 310 -7.21 -5.22 0.05
CA VAL A 310 -7.79 -6.55 -0.04
C VAL A 310 -9.17 -6.46 -0.68
N GLY A 311 -9.49 -7.41 -1.53
CA GLY A 311 -10.78 -7.46 -2.18
C GLY A 311 -11.18 -8.89 -2.49
N VAL A 312 -12.48 -9.13 -2.54
CA VAL A 312 -13.03 -10.45 -2.85
C VAL A 312 -14.21 -10.27 -3.80
N LYS A 313 -14.66 -11.39 -4.37
CA LYS A 313 -15.76 -11.35 -5.32
C LYS A 313 -16.22 -12.77 -5.61
N ILE A 314 -17.54 -12.95 -5.69
CA ILE A 314 -18.14 -14.24 -6.01
C ILE A 314 -19.06 -14.04 -7.20
N PRO A 315 -18.52 -13.83 -8.40
CA PRO A 315 -19.38 -13.61 -9.57
C PRO A 315 -20.29 -14.80 -9.85
N THR A 316 -21.39 -14.53 -10.55
CA THR A 316 -22.40 -15.54 -10.84
C THR A 316 -22.93 -15.34 -12.26
N HIS A 317 -23.34 -16.45 -12.87
CA HIS A 317 -23.93 -16.41 -14.20
C HIS A 317 -25.02 -17.47 -14.27
N VAL A 318 -25.89 -17.31 -15.26
CA VAL A 318 -26.99 -18.22 -15.52
C VAL A 318 -26.53 -19.21 -16.58
N ASP A 319 -26.22 -20.43 -16.16
CA ASP A 319 -25.81 -21.46 -17.11
C ASP A 319 -26.99 -21.88 -17.99
N PRO A 320 -26.76 -22.11 -19.28
CA PRO A 320 -27.89 -22.40 -20.18
C PRO A 320 -28.76 -23.55 -19.71
N ASP A 321 -28.16 -24.63 -19.22
CA ASP A 321 -28.91 -25.80 -18.82
C ASP A 321 -29.17 -25.81 -17.32
N ASP A 322 -28.11 -25.68 -16.52
CA ASP A 322 -28.24 -25.81 -15.08
C ASP A 322 -28.93 -24.61 -14.46
N GLY A 323 -28.71 -23.41 -14.99
CA GLY A 323 -29.27 -22.22 -14.41
C GLY A 323 -28.22 -21.40 -13.67
N ARG A 324 -28.65 -20.62 -12.68
CA ARG A 324 -27.70 -19.79 -11.93
C ARG A 324 -26.59 -20.65 -11.36
N LYS A 325 -25.36 -20.18 -11.54
CA LYS A 325 -24.15 -20.92 -11.21
C LYS A 325 -23.12 -19.90 -10.74
N ILE A 326 -22.32 -20.28 -9.74
CA ILE A 326 -21.19 -19.44 -9.37
C ILE A 326 -20.19 -19.44 -10.52
N THR A 327 -19.83 -18.25 -10.98
CA THR A 327 -18.79 -18.15 -11.99
C THR A 327 -17.41 -18.39 -11.39
N ASP A 328 -17.15 -17.80 -10.23
CA ASP A 328 -15.83 -17.88 -9.61
C ASP A 328 -15.94 -17.41 -8.17
N VAL A 329 -14.95 -17.81 -7.37
CA VAL A 329 -14.80 -17.38 -5.98
C VAL A 329 -13.36 -16.89 -5.88
N THR A 330 -13.18 -15.57 -5.77
CA THR A 330 -11.87 -14.98 -5.96
C THR A 330 -11.50 -14.02 -4.85
N GLY A 331 -10.19 -13.85 -4.66
CA GLY A 331 -9.66 -12.87 -3.74
C GLY A 331 -8.45 -12.18 -4.32
N ARG A 332 -8.17 -10.99 -3.78
CA ARG A 332 -7.07 -10.16 -4.25
C ARG A 332 -6.40 -9.51 -3.05
N ILE A 333 -5.06 -9.54 -3.05
CA ILE A 333 -4.26 -8.83 -2.08
C ILE A 333 -3.19 -8.06 -2.86
N ASP A 334 -3.14 -6.76 -2.64
CA ASP A 334 -2.17 -5.89 -3.31
C ASP A 334 -1.32 -5.19 -2.27
N TYR A 335 -0.01 -5.31 -2.39
CA TYR A 335 0.92 -4.57 -1.54
C TYR A 335 1.47 -3.40 -2.34
N VAL A 336 1.24 -2.19 -1.85
CA VAL A 336 1.72 -0.98 -2.49
C VAL A 336 2.76 -0.33 -1.59
N LYS A 337 4.02 -0.25 -2.09
CA LYS A 337 5.09 0.43 -1.35
C LYS A 337 5.25 1.87 -1.85
N PRO A 338 5.59 2.81 -0.99
CA PRO A 338 5.78 4.19 -1.46
C PRO A 338 6.86 4.27 -2.52
N GLY A 339 6.52 4.86 -3.66
CA GLY A 339 7.42 4.94 -4.78
C GLY A 339 7.32 3.79 -5.75
N GLY A 340 6.64 2.71 -5.38
CA GLY A 340 6.38 1.61 -6.28
C GLY A 340 5.04 1.77 -6.98
N SER A 341 4.67 0.73 -7.74
CA SER A 341 3.41 0.75 -8.47
C SER A 341 2.25 1.01 -7.51
N THR A 342 1.30 1.82 -7.96
CA THR A 342 0.13 2.19 -7.17
C THR A 342 -1.04 1.30 -7.56
N LEU A 343 -2.13 1.42 -6.79
CA LEU A 343 -3.36 0.75 -7.17
C LEU A 343 -3.89 1.27 -8.49
N SER A 344 -3.69 2.57 -8.76
CA SER A 344 -4.05 3.13 -10.06
C SER A 344 -3.28 2.43 -11.18
N ASP A 345 -1.95 2.33 -11.03
CA ASP A 345 -1.15 1.63 -12.04
C ASP A 345 -1.69 0.22 -12.29
N ARG A 346 -2.14 -0.45 -11.23
CA ARG A 346 -2.64 -1.81 -11.33
C ARG A 346 -4.09 -1.87 -11.82
N LEU A 347 -4.72 -0.72 -12.06
CA LEU A 347 -6.09 -0.64 -12.54
C LEU A 347 -7.09 -1.15 -11.49
N VAL A 348 -6.67 -1.22 -10.24
CA VAL A 348 -7.60 -1.58 -9.17
C VAL A 348 -8.79 -0.61 -9.16
N TYR A 349 -8.52 0.66 -9.46
CA TYR A 349 -9.57 1.64 -9.73
C TYR A 349 -9.17 2.39 -11.00
N THR A 350 -10.17 2.81 -11.76
CA THR A 350 -9.99 3.61 -12.96
C THR A 350 -10.96 4.77 -12.94
N PRO A 351 -10.75 5.77 -13.80
CA PRO A 351 -11.73 6.89 -13.84
C PRO A 351 -13.12 6.43 -14.27
N GLU A 352 -13.20 5.52 -15.24
CA GLU A 352 -14.49 5.02 -15.70
C GLU A 352 -15.20 4.27 -14.57
N LEU A 353 -14.47 3.45 -13.82
CA LEU A 353 -15.09 2.67 -12.76
C LEU A 353 -15.63 3.57 -11.65
N ILE A 354 -14.90 4.62 -11.29
CA ILE A 354 -15.37 5.55 -10.27
C ILE A 354 -16.56 6.34 -10.79
N TYR A 355 -16.53 6.72 -12.07
CA TYR A 355 -17.65 7.45 -12.65
C TYR A 355 -18.91 6.59 -12.69
N ARG A 356 -18.79 5.33 -13.09
CA ARG A 356 -19.95 4.46 -13.12
C ARG A 356 -20.49 4.21 -11.71
N GLU A 357 -19.62 4.19 -10.71
CA GLU A 357 -20.06 4.00 -9.34
C GLU A 357 -20.91 5.17 -8.86
N ASN A 358 -20.55 6.38 -9.28
CA ASN A 358 -21.25 7.58 -8.87
C ASN A 358 -22.59 7.75 -9.56
N LEU A 359 -22.77 7.14 -10.73
CA LEU A 359 -24.01 7.31 -11.48
C LEU A 359 -25.21 6.87 -10.64
N ASN A 360 -26.28 7.66 -10.73
CA ASN A 360 -27.53 7.30 -10.08
C ASN A 360 -28.23 6.19 -10.87
N ALA A 361 -29.35 5.71 -10.34
CA ALA A 361 -30.03 4.57 -10.95
C ALA A 361 -30.36 4.84 -12.40
N GLU A 362 -31.17 5.85 -12.67
CA GLU A 362 -31.48 6.16 -14.07
C GLU A 362 -30.20 6.37 -14.87
N GLU A 363 -29.30 7.22 -14.35
CA GLU A 363 -28.06 7.51 -15.07
C GLU A 363 -27.37 6.23 -15.51
N TYR A 364 -27.16 5.30 -14.59
CA TYR A 364 -26.52 4.02 -14.93
C TYR A 364 -27.23 3.34 -16.10
N GLU A 365 -28.55 3.19 -15.98
CA GLU A 365 -29.32 2.50 -17.00
C GLU A 365 -29.10 3.12 -18.37
N GLU A 366 -29.35 4.43 -18.48
CA GLU A 366 -29.18 5.12 -19.75
C GLU A 366 -27.80 4.88 -20.33
N GLN A 367 -26.76 5.18 -19.56
CA GLN A 367 -25.40 5.05 -20.08
C GLN A 367 -25.11 3.62 -20.52
N LEU A 368 -25.55 2.63 -19.76
CA LEU A 368 -25.27 1.23 -20.11
C LEU A 368 -25.82 0.90 -21.49
N GLU A 369 -27.05 1.31 -21.77
CA GLU A 369 -27.63 1.09 -23.10
C GLU A 369 -26.79 1.77 -24.17
N ARG A 370 -26.33 2.99 -23.91
CA ARG A 370 -25.55 3.72 -24.91
C ARG A 370 -24.26 2.99 -25.26
N GLY A 371 -23.84 2.02 -24.46
CA GLY A 371 -22.56 1.39 -24.62
C GLY A 371 -21.39 2.19 -24.07
N TYR A 372 -21.66 3.34 -23.46
CA TYR A 372 -20.58 4.18 -22.94
C TYR A 372 -19.96 3.57 -21.69
N ILE A 373 -20.78 2.93 -20.86
CA ILE A 373 -20.31 2.31 -19.63
C ILE A 373 -20.54 0.80 -19.71
N THR A 374 -19.64 0.05 -19.08
CA THR A 374 -19.79 -1.41 -19.05
C THR A 374 -20.89 -1.81 -18.07
N GLY A 375 -21.20 -3.10 -18.06
CA GLY A 375 -22.24 -3.64 -17.21
C GLY A 375 -21.66 -4.30 -15.98
N VAL A 376 -22.21 -3.93 -14.82
CA VAL A 376 -21.76 -4.51 -13.56
C VAL A 376 -22.12 -5.99 -13.52
N GLU A 377 -21.18 -6.81 -13.05
CA GLU A 377 -21.37 -8.25 -12.99
C GLU A 377 -22.31 -8.60 -11.85
N GLU A 378 -23.08 -9.68 -12.04
CA GLU A 378 -23.86 -10.23 -10.95
C GLU A 378 -22.95 -11.01 -10.00
N GLU A 379 -23.36 -11.05 -8.73
CA GLU A 379 -22.55 -11.68 -7.70
C GLU A 379 -23.44 -12.44 -6.73
N ALA A 380 -22.82 -13.41 -6.04
CA ALA A 380 -23.44 -14.13 -4.95
C ALA A 380 -23.20 -13.39 -3.64
N PRO A 381 -24.01 -13.67 -2.62
CA PRO A 381 -23.82 -12.97 -1.34
C PRO A 381 -22.46 -13.26 -0.73
N SER A 382 -21.92 -12.26 -0.04
CA SER A 382 -20.63 -12.40 0.62
C SER A 382 -20.72 -13.45 1.71
N VAL A 383 -19.60 -14.15 1.92
CA VAL A 383 -19.51 -15.25 2.88
C VAL A 383 -18.25 -15.05 3.71
N ILE A 384 -18.34 -15.37 5.00
CA ILE A 384 -17.24 -15.12 5.92
C ILE A 384 -16.05 -16.03 5.65
N THR A 385 -16.27 -17.18 5.01
CA THR A 385 -15.15 -18.07 4.69
C THR A 385 -14.16 -17.39 3.75
N LEU A 386 -14.65 -16.85 2.63
CA LEU A 386 -13.78 -16.15 1.70
C LEU A 386 -13.16 -14.91 2.34
N ASN A 387 -13.99 -14.09 2.99
CA ASN A 387 -13.47 -12.90 3.67
C ASN A 387 -12.28 -13.27 4.54
N MET A 388 -12.39 -14.38 5.28
CA MET A 388 -11.32 -14.80 6.18
C MET A 388 -10.08 -15.24 5.39
N ARG A 389 -10.29 -16.02 4.32
CA ARG A 389 -9.16 -16.45 3.51
C ARG A 389 -8.39 -15.27 2.94
N ALA A 390 -9.11 -14.25 2.46
CA ALA A 390 -8.45 -13.07 1.93
C ALA A 390 -7.77 -12.28 3.04
N ALA A 391 -8.47 -12.05 4.14
CA ALA A 391 -7.96 -11.16 5.18
C ALA A 391 -6.76 -11.77 5.90
N SER A 392 -6.76 -13.09 6.10
CA SER A 392 -5.61 -13.72 6.73
C SER A 392 -4.37 -13.60 5.86
N ALA A 393 -4.55 -13.68 4.54
CA ALA A 393 -3.42 -13.49 3.63
C ALA A 393 -2.97 -12.04 3.61
N CYS A 394 -3.88 -11.10 3.85
CA CYS A 394 -3.51 -9.70 3.86
C CYS A 394 -2.54 -9.40 5.00
N VAL A 395 -2.92 -9.78 6.21
CA VAL A 395 -2.06 -9.50 7.37
C VAL A 395 -0.79 -10.34 7.31
N SER A 396 -0.90 -11.58 6.83
CA SER A 396 0.30 -12.40 6.67
C SER A 396 1.29 -11.73 5.71
N GLU A 397 0.78 -11.01 4.71
CA GLU A 397 1.66 -10.29 3.80
C GLU A 397 2.45 -9.22 4.53
N PHE A 398 1.79 -8.47 5.41
CA PHE A 398 2.50 -7.48 6.21
C PHE A 398 3.57 -8.13 7.07
N ILE A 399 3.20 -9.22 7.75
CA ILE A 399 4.15 -9.93 8.60
C ILE A 399 5.33 -10.43 7.78
N ALA A 400 5.07 -10.95 6.58
CA ALA A 400 6.14 -11.51 5.77
C ALA A 400 7.09 -10.43 5.26
N ARG A 401 6.60 -9.20 5.08
CA ARG A 401 7.47 -8.13 4.61
C ARG A 401 8.22 -7.47 5.75
N CYS A 402 7.65 -7.49 6.96
CA CYS A 402 8.36 -6.96 8.11
C CYS A 402 9.37 -7.96 8.66
N PHE A 403 9.11 -9.26 8.51
CA PHE A 403 9.93 -10.31 9.10
C PHE A 403 10.05 -11.45 8.10
N PRO A 404 10.83 -11.25 7.05
CA PRO A 404 10.84 -12.22 5.95
C PRO A 404 10.98 -13.66 6.43
N PHE A 405 10.05 -14.51 5.98
CA PHE A 405 10.12 -15.95 6.19
C PHE A 405 9.94 -16.75 4.91
N ARG A 406 9.57 -16.13 3.80
CA ARG A 406 9.36 -16.84 2.55
C ARG A 406 10.70 -17.21 1.91
N GLU A 407 10.67 -18.24 1.07
CA GLU A 407 11.85 -18.72 0.37
C GLU A 407 12.04 -18.06 -0.98
N TYR A 408 11.30 -17.00 -1.26
CA TYR A 408 11.42 -16.23 -2.49
C TYR A 408 11.40 -14.76 -2.11
N PRO A 409 11.97 -13.88 -2.94
CA PRO A 409 11.92 -12.45 -2.62
C PRO A 409 10.48 -11.98 -2.47
N ASN A 410 10.27 -11.08 -1.51
CA ASN A 410 8.91 -10.58 -1.28
C ASN A 410 8.38 -9.82 -2.48
N LYS A 411 9.28 -9.27 -3.30
CA LYS A 411 8.84 -8.59 -4.53
C LYS A 411 8.02 -9.51 -5.41
N ARG A 412 8.29 -10.82 -5.36
CA ARG A 412 7.56 -11.74 -6.25
C ARG A 412 6.06 -11.71 -5.98
N PHE A 413 5.66 -11.33 -4.77
CA PHE A 413 4.27 -11.42 -4.32
C PHE A 413 3.66 -10.05 -4.14
N THR A 414 4.15 -9.07 -4.91
CA THR A 414 3.55 -7.74 -4.90
C THR A 414 2.04 -7.80 -5.13
N ARG A 415 1.57 -8.76 -5.92
CA ARG A 415 0.15 -8.97 -6.11
C ARG A 415 -0.18 -10.44 -5.97
N THR A 416 -1.29 -10.75 -5.31
CA THR A 416 -1.77 -12.11 -5.18
C THR A 416 -3.22 -12.18 -5.62
N PHE A 417 -3.54 -13.19 -6.44
CA PHE A 417 -4.88 -13.46 -6.92
C PHE A 417 -5.13 -14.96 -6.73
N PHE A 418 -6.07 -15.32 -5.84
CA PHE A 418 -6.41 -16.72 -5.65
C PHE A 418 -7.85 -16.98 -6.10
N SER A 419 -8.12 -18.21 -6.53
CA SER A 419 -9.44 -18.63 -6.98
C SER A 419 -9.82 -19.91 -6.26
N LEU A 420 -10.88 -19.85 -5.45
CA LEU A 420 -11.34 -21.03 -4.74
C LEU A 420 -12.17 -21.95 -5.62
N ALA A 421 -12.79 -21.41 -6.68
CA ALA A 421 -13.53 -22.25 -7.61
C ALA A 421 -12.59 -22.89 -8.63
N GLY A 422 -11.63 -22.13 -9.15
CA GLY A 422 -10.64 -22.68 -10.03
C GLY A 422 -9.49 -23.37 -9.33
N VAL A 423 -9.37 -23.18 -8.02
CA VAL A 423 -8.28 -23.78 -7.26
C VAL A 423 -6.95 -23.35 -7.89
N GLU A 424 -6.72 -22.04 -7.93
CA GLU A 424 -5.51 -21.46 -8.50
C GLU A 424 -5.08 -20.28 -7.64
N GLU A 425 -3.80 -19.93 -7.74
CA GLU A 425 -3.28 -18.76 -7.02
C GLU A 425 -2.06 -18.24 -7.76
N ASP A 426 -2.19 -17.04 -8.33
CA ASP A 426 -1.15 -16.42 -9.14
C ASP A 426 -0.56 -15.21 -8.44
N TYR A 427 0.73 -14.98 -8.71
CA TYR A 427 1.50 -13.91 -8.09
C TYR A 427 2.11 -13.02 -9.16
N ILE A 428 2.03 -11.72 -8.94
CA ILE A 428 2.57 -10.73 -9.87
C ILE A 428 3.76 -10.04 -9.20
N ASP A 429 4.85 -9.88 -9.93
CA ASP A 429 6.05 -9.21 -9.44
C ASP A 429 5.95 -7.71 -9.69
N GLU A 430 6.51 -6.93 -8.76
CA GLU A 430 6.56 -5.49 -8.93
C GLU A 430 7.19 -5.09 -10.27
N SER A 431 8.14 -5.89 -10.75
CA SER A 431 8.85 -5.53 -11.97
C SER A 431 8.00 -5.70 -13.22
N SER A 432 6.88 -6.40 -13.15
CA SER A 432 6.00 -6.60 -14.29
C SER A 432 4.89 -5.56 -14.37
N ILE A 433 4.91 -4.57 -13.49
CA ILE A 433 3.85 -3.58 -13.39
C ILE A 433 4.41 -2.25 -13.89
N THR A 434 3.77 -1.68 -14.90
CA THR A 434 4.16 -0.36 -15.38
C THR A 434 3.70 0.72 -14.40
N GLN A 435 4.54 1.75 -14.22
CA GLN A 435 4.28 2.79 -13.25
C GLN A 435 4.23 4.15 -13.93
N ALA A 436 3.28 4.98 -13.53
CA ALA A 436 3.22 6.36 -13.96
C ALA A 436 4.03 7.25 -13.02
N LEU A 437 4.21 8.50 -13.42
CA LEU A 437 4.86 9.46 -12.54
C LEU A 437 4.00 9.69 -11.31
N ASN A 438 4.54 9.43 -10.13
CA ASN A 438 3.81 9.61 -8.88
C ASN A 438 4.01 11.07 -8.46
N THR A 439 3.01 11.91 -8.75
CA THR A 439 3.05 13.31 -8.41
C THR A 439 2.59 13.60 -6.99
N ARG A 440 2.18 12.57 -6.24
CA ARG A 440 1.76 12.72 -4.86
C ARG A 440 2.83 12.29 -3.88
N LEU A 441 3.94 11.71 -4.36
CA LEU A 441 4.91 11.08 -3.47
C LEU A 441 5.50 12.10 -2.51
N ALA A 442 5.38 11.81 -1.21
CA ALA A 442 5.90 12.65 -0.13
C ALA A 442 5.32 14.06 -0.17
N VAL A 443 4.19 14.24 -0.84
CA VAL A 443 3.57 15.56 -0.91
C VAL A 443 2.98 15.96 0.43
N GLY A 444 2.47 15.02 1.20
CA GLY A 444 1.91 15.38 2.48
C GLY A 444 0.53 15.97 2.34
N GLY A 445 0.25 16.93 3.21
CA GLY A 445 -1.05 17.56 3.25
C GLY A 445 -1.17 18.82 2.42
N GLU A 446 -0.25 19.00 1.47
CA GLU A 446 -0.31 20.14 0.57
C GLU A 446 -1.72 20.30 0.02
N GLU A 447 -2.18 21.55 -0.03
CA GLU A 447 -3.55 21.79 -0.46
C GLU A 447 -3.60 21.96 -1.99
N PRO A 448 -4.66 21.45 -2.65
CA PRO A 448 -5.77 20.69 -2.05
C PRO A 448 -5.33 19.33 -1.46
N LEU A 449 -5.89 18.97 -0.31
CA LEU A 449 -5.55 17.72 0.33
C LEU A 449 -5.71 16.55 -0.63
N LEU A 450 -4.68 15.72 -0.72
CA LEU A 450 -4.65 14.57 -1.63
C LEU A 450 -4.95 15.01 -3.06
N GLY A 451 -4.67 16.28 -3.37
CA GLY A 451 -4.95 16.79 -4.70
C GLY A 451 -6.41 16.74 -5.07
N LEU A 452 -7.31 16.67 -4.08
CA LEU A 452 -8.74 16.59 -4.35
C LEU A 452 -9.43 17.85 -3.85
N PRO A 453 -9.99 18.69 -4.72
CA PRO A 453 -10.58 19.95 -4.23
C PRO A 453 -11.73 19.73 -3.25
N GLU A 454 -12.43 18.61 -3.36
CA GLU A 454 -13.52 18.33 -2.43
C GLU A 454 -13.01 18.26 -1.00
N LEU A 455 -11.82 17.73 -0.81
CA LEU A 455 -11.19 17.67 0.51
C LEU A 455 -10.41 18.93 0.86
N GLY A 456 -10.32 19.88 -0.06
CA GLY A 456 -9.47 21.05 0.15
C GLY A 456 -9.93 21.90 1.31
N ASP A 457 -8.96 22.52 1.99
CA ASP A 457 -9.28 23.39 3.11
C ASP A 457 -9.85 24.71 2.62
N LYS A 458 -9.26 25.29 1.58
CA LYS A 458 -9.79 26.52 0.98
C LYS A 458 -11.21 26.29 0.46
N THR B 4 -16.99 -34.10 -33.50
CA THR B 4 -17.04 -32.76 -32.94
C THR B 4 -15.85 -32.50 -32.01
N TRP B 5 -15.68 -31.24 -31.64
CA TRP B 5 -14.59 -30.81 -30.78
C TRP B 5 -15.18 -30.14 -29.54
N LYS B 6 -14.61 -30.45 -28.38
CA LYS B 6 -15.14 -29.99 -27.10
C LYS B 6 -14.12 -29.10 -26.41
N LEU B 7 -14.62 -28.05 -25.76
CA LEU B 7 -13.81 -27.15 -24.95
C LEU B 7 -14.49 -27.01 -23.59
N ASN B 8 -13.72 -27.19 -22.52
CA ASN B 8 -14.19 -27.03 -21.15
C ASN B 8 -14.16 -25.56 -20.77
N ILE B 9 -15.32 -24.98 -20.53
CA ILE B 9 -15.46 -23.58 -20.14
C ILE B 9 -15.91 -23.52 -18.70
N GLN B 10 -15.09 -22.87 -17.85
CA GLN B 10 -15.42 -22.64 -16.45
C GLN B 10 -15.77 -23.95 -15.73
N GLY B 11 -15.16 -25.05 -16.18
CA GLY B 11 -15.34 -26.33 -15.55
C GLY B 11 -16.38 -27.24 -16.17
N LYS B 12 -17.04 -26.78 -17.23
CA LYS B 12 -18.10 -27.55 -17.89
C LYS B 12 -17.75 -27.72 -19.37
N GLU B 13 -17.76 -28.96 -19.84
CA GLU B 13 -17.40 -29.26 -21.22
C GLU B 13 -18.57 -29.00 -22.15
N PHE B 14 -18.33 -28.15 -23.16
CA PHE B 14 -19.32 -27.83 -24.18
C PHE B 14 -18.82 -28.30 -25.53
N THR B 15 -19.68 -28.97 -26.28
CA THR B 15 -19.32 -29.52 -27.57
C THR B 15 -19.60 -28.51 -28.67
N PHE B 16 -18.68 -28.44 -29.64
CA PHE B 16 -18.78 -27.50 -30.74
C PHE B 16 -18.72 -28.24 -32.07
N ASP B 17 -19.46 -27.72 -33.05
CA ASP B 17 -19.53 -28.31 -34.38
C ASP B 17 -18.49 -27.75 -35.32
N THR B 18 -17.59 -26.88 -34.84
CA THR B 18 -16.53 -26.31 -35.65
C THR B 18 -15.17 -26.66 -35.05
N PRO B 19 -14.16 -26.95 -35.88
CA PRO B 19 -12.82 -27.21 -35.32
C PRO B 19 -12.21 -26.00 -34.62
N THR B 20 -12.67 -24.80 -34.94
CA THR B 20 -12.14 -23.56 -34.36
C THR B 20 -13.30 -22.69 -33.93
N VAL B 21 -13.27 -22.19 -32.70
CA VAL B 21 -14.38 -21.45 -32.11
C VAL B 21 -13.82 -20.17 -31.54
N VAL B 22 -14.50 -19.05 -31.82
CA VAL B 22 -14.07 -17.77 -31.29
C VAL B 22 -14.32 -17.75 -29.79
N ILE B 23 -13.36 -17.21 -29.04
CA ILE B 23 -13.50 -17.04 -27.60
C ILE B 23 -14.92 -16.56 -27.31
N ARG B 24 -15.26 -15.37 -27.82
CA ARG B 24 -16.57 -14.78 -27.55
C ARG B 24 -17.71 -15.79 -27.72
N ASP B 25 -17.67 -16.58 -28.80
CA ASP B 25 -18.74 -17.55 -29.03
C ASP B 25 -18.76 -18.62 -27.95
N ALA B 26 -17.60 -19.20 -27.64
CA ALA B 26 -17.54 -20.20 -26.58
C ALA B 26 -17.97 -19.60 -25.25
N VAL B 27 -17.60 -18.35 -25.00
CA VAL B 27 -17.98 -17.70 -23.74
C VAL B 27 -19.49 -17.53 -23.68
N ILE B 28 -20.11 -17.18 -24.81
CA ILE B 28 -21.55 -17.02 -24.85
C ILE B 28 -22.25 -18.36 -24.70
N ARG B 29 -21.67 -19.43 -25.22
CA ARG B 29 -22.28 -20.74 -25.08
C ARG B 29 -22.38 -21.16 -23.62
N ALA B 30 -21.42 -20.74 -22.80
CA ALA B 30 -21.40 -21.14 -21.40
C ALA B 30 -22.34 -20.32 -20.53
N GLY B 31 -22.89 -19.23 -21.06
CA GLY B 31 -23.71 -18.33 -20.27
C GLY B 31 -22.97 -17.14 -19.71
N LEU B 32 -21.69 -16.96 -20.04
CA LEU B 32 -20.93 -15.82 -19.56
C LEU B 32 -21.04 -14.66 -20.53
N ASN B 33 -21.02 -13.45 -19.99
CA ASN B 33 -21.10 -12.23 -20.81
C ASN B 33 -19.73 -11.89 -21.36
N PRO B 34 -19.56 -11.85 -22.70
CA PRO B 34 -18.22 -11.56 -23.23
C PRO B 34 -17.83 -10.12 -23.02
N ASN B 35 -18.82 -9.22 -22.91
CA ASN B 35 -18.58 -7.79 -22.78
C ASN B 35 -18.64 -7.34 -21.32
N GLN B 36 -18.60 -8.29 -20.37
CA GLN B 36 -18.18 -7.96 -19.01
C GLN B 36 -16.65 -7.97 -18.95
N ALA B 37 -16.11 -7.42 -17.86
CA ALA B 37 -14.66 -7.29 -17.71
C ALA B 37 -14.10 -8.59 -17.15
N TRP B 38 -13.38 -9.33 -17.98
CA TRP B 38 -12.82 -10.62 -17.62
C TRP B 38 -11.35 -10.71 -18.01
N HIS B 39 -10.63 -11.63 -17.37
CA HIS B 39 -9.26 -11.98 -17.73
C HIS B 39 -9.32 -13.38 -18.36
N ILE B 40 -9.34 -13.44 -19.68
CA ILE B 40 -9.52 -14.69 -20.40
C ILE B 40 -8.19 -15.44 -20.47
N PHE B 41 -8.18 -16.69 -20.01
CA PHE B 41 -6.98 -17.52 -19.99
C PHE B 41 -7.31 -18.90 -20.55
N LEU B 42 -6.35 -19.46 -21.29
CA LEU B 42 -6.47 -20.81 -21.84
C LEU B 42 -5.32 -21.67 -21.35
N LYS B 43 -5.64 -22.92 -21.02
CA LYS B 43 -4.66 -23.87 -20.49
C LYS B 43 -4.35 -24.94 -21.52
N VAL B 44 -3.08 -25.35 -21.57
CA VAL B 44 -2.60 -26.39 -22.47
C VAL B 44 -1.64 -27.28 -21.68
N GLU B 45 -1.96 -28.56 -21.58
CA GLU B 45 -1.13 -29.50 -20.83
C GLU B 45 0.33 -29.39 -21.25
N GLY B 46 1.21 -29.21 -20.26
CA GLY B 46 2.63 -29.03 -20.52
C GLY B 46 3.04 -27.63 -20.88
N GLN B 47 2.16 -26.67 -20.68
CA GLN B 47 2.42 -25.27 -21.03
C GLN B 47 1.79 -24.35 -20.00
N PRO B 48 2.39 -23.20 -19.72
CA PRO B 48 1.77 -22.25 -18.79
C PRO B 48 0.56 -21.58 -19.44
N LYS B 49 -0.36 -21.13 -18.58
CA LYS B 49 -1.59 -20.51 -19.06
C LYS B 49 -1.26 -19.23 -19.81
N VAL B 50 -2.00 -18.98 -20.90
CA VAL B 50 -1.75 -17.88 -21.80
C VAL B 50 -3.00 -17.02 -21.87
N GLU B 51 -2.83 -15.71 -21.66
CA GLU B 51 -3.96 -14.79 -21.68
C GLU B 51 -4.41 -14.56 -23.12
N LYS B 52 -5.73 -14.43 -23.30
CA LYS B 52 -6.30 -14.30 -24.62
C LYS B 52 -7.28 -13.12 -24.66
N ASN B 53 -7.78 -12.85 -25.86
CA ASN B 53 -8.76 -11.79 -26.09
C ASN B 53 -10.14 -12.41 -26.33
N ILE B 54 -11.17 -11.59 -26.12
CA ILE B 54 -12.54 -12.07 -26.24
C ILE B 54 -12.85 -12.49 -27.68
N ASP B 55 -12.20 -11.84 -28.66
CA ASP B 55 -12.44 -12.12 -30.07
C ASP B 55 -11.43 -13.09 -30.67
N ASP B 56 -10.33 -13.37 -29.98
CA ASP B 56 -9.37 -14.35 -30.46
C ASP B 56 -10.08 -15.66 -30.78
N VAL B 57 -9.52 -16.42 -31.72
CA VAL B 57 -10.07 -17.69 -32.15
C VAL B 57 -9.16 -18.81 -31.67
N ILE B 58 -9.76 -19.88 -31.16
CA ILE B 58 -9.04 -21.04 -30.65
C ILE B 58 -9.24 -22.22 -31.58
N ASP B 59 -8.28 -23.14 -31.56
CA ASP B 59 -8.35 -24.39 -32.30
C ASP B 59 -8.46 -25.52 -31.29
N LEU B 60 -9.66 -26.12 -31.20
CA LEU B 60 -9.89 -27.20 -30.24
C LEU B 60 -9.14 -28.48 -30.61
N ARG B 61 -8.63 -28.58 -31.84
CA ARG B 61 -7.79 -29.72 -32.22
C ARG B 61 -6.41 -29.66 -31.58
N THR B 62 -6.00 -28.49 -31.08
CA THR B 62 -4.73 -28.36 -30.40
C THR B 62 -4.62 -29.40 -29.29
N PRO B 63 -3.64 -30.29 -29.32
CA PRO B 63 -3.57 -31.34 -28.29
C PRO B 63 -3.17 -30.75 -26.94
N GLY B 64 -3.81 -31.26 -25.89
CA GLY B 64 -3.56 -30.81 -24.55
C GLY B 64 -4.54 -29.78 -24.03
N ILE B 65 -5.31 -29.17 -24.92
CA ILE B 65 -6.31 -28.17 -24.54
C ILE B 65 -7.07 -28.64 -23.30
N GLU B 66 -7.01 -27.84 -22.23
CA GLU B 66 -7.64 -28.19 -20.96
C GLU B 66 -8.89 -27.38 -20.73
N LYS B 67 -8.78 -26.09 -20.44
CA LYS B 67 -9.93 -25.28 -20.06
C LYS B 67 -9.70 -23.83 -20.46
N LEU B 68 -10.77 -23.18 -20.89
CA LEU B 68 -10.78 -21.73 -21.11
C LEU B 68 -11.54 -21.12 -19.95
N ARG B 69 -10.81 -20.58 -18.98
CA ARG B 69 -11.38 -20.08 -17.75
C ARG B 69 -11.27 -18.56 -17.71
N LEU B 70 -12.30 -17.92 -17.15
CA LEU B 70 -12.30 -16.48 -16.94
C LEU B 70 -12.17 -16.20 -15.45
N THR B 71 -11.56 -15.06 -15.13
CA THR B 71 -11.40 -14.61 -13.76
C THR B 71 -11.83 -13.14 -13.70
N PRO B 72 -12.71 -12.76 -12.76
CA PRO B 72 -13.14 -11.35 -12.71
C PRO B 72 -11.98 -10.38 -12.76
N LYS B 73 -12.00 -9.47 -13.74
CA LYS B 73 -10.89 -8.52 -13.88
C LYS B 73 -10.79 -7.60 -12.68
N ASP B 74 -11.93 -7.17 -12.14
CA ASP B 74 -11.97 -6.27 -11.00
C ASP B 74 -12.58 -7.00 -9.81
N VAL B 75 -11.81 -7.08 -8.73
CA VAL B 75 -12.22 -7.80 -7.52
C VAL B 75 -12.12 -6.80 -6.37
N ASN B 76 -13.23 -6.09 -6.08
CA ASN B 76 -13.24 -5.00 -5.09
C ASN B 76 -14.51 -5.08 -4.25
N ASN B 77 -14.56 -6.04 -3.34
CA ASN B 77 -15.68 -6.20 -2.42
C ASN B 77 -15.13 -6.33 -1.01
N GLY B 78 -15.82 -5.70 -0.05
CA GLY B 78 -15.37 -5.70 1.32
C GLY B 78 -16.46 -5.88 2.36
#